data_6RNA
#
_entry.id   6RNA
#
_cell.length_a   132.420
_cell.length_b   132.420
_cell.length_c   107.170
_cell.angle_alpha   90.00
_cell.angle_beta   90.00
_cell.angle_gamma   120.00
#
_symmetry.space_group_name_H-M   'P 32 2 1'
#
loop_
_entity.id
_entity.type
_entity.pdbx_description
1 polymer 'Receptor-interacting serine/threonine-protein kinase 2'
2 non-polymer 2-[4-(1,3-benzothiazol-5-ylamino)-6-~{tert}-butylsulfonyl-quinazolin-7-yl]oxyethanol
3 water water
#
_entity_poly.entity_id   1
_entity_poly.type   'polypeptide(L)'
_entity_poly.pdbx_seq_one_letter_code
;GMNGEAICSALPTIPYHKLADLRYLSRGASGTVSSARHADWRVQVAVKHLHIHTPLLDSERKDVLREAEILHKARFSYIL
PILGICNEPEFLGIVTEYMPNGSLNELLHRKTEYPDVAWPLRFRILHEIALGVNYLHNMTPPLLHHDLKTQNILLDNEFH
VKIADFGLSKWRMMSLSQSRSSKSAPEGGTIIYMPPENYEPGQKSRASIKHDIYSYAVITWEVLSRKQPFEDVTNPLQIM
YSVSQGHRPVINEESLPYDIPHRARMISLIESGWAQNPDERPSFLKCLIELEPVLRTFEEITFLEAVIQLK
;
_entity_poly.pdbx_strand_id   A,B
#
loop_
_chem_comp.id
_chem_comp.type
_chem_comp.name
_chem_comp.formula
KA2 non-polymer 2-[4-(1,3-benzothiazol-5-ylamino)-6-~{tert}-butylsulfonyl-quinazolin-7-yl]oxyethanol 'C21 H22 N4 O4 S2'
#
# COMPACT_ATOMS: atom_id res chain seq x y z
N ALA A 6 13.86 -17.97 6.54
CA ALA A 6 14.99 -18.11 5.61
C ALA A 6 15.14 -16.92 4.66
N ILE A 7 14.00 -16.28 4.29
CA ILE A 7 14.03 -15.10 3.42
C ILE A 7 13.99 -13.87 4.34
N CYS A 8 15.14 -13.14 4.47
CA CYS A 8 15.29 -11.95 5.33
C CYS A 8 15.46 -10.61 4.58
N SER A 9 14.55 -9.66 4.82
CA SER A 9 14.57 -8.29 4.26
C SER A 9 15.15 -7.35 5.30
N ALA A 10 16.11 -6.52 4.91
CA ALA A 10 16.73 -5.59 5.84
C ALA A 10 16.07 -4.23 5.72
N LEU A 11 15.87 -3.53 6.86
CA LEU A 11 15.29 -2.19 6.86
C LEU A 11 16.36 -1.17 6.40
N PRO A 12 16.09 -0.33 5.37
CA PRO A 12 17.11 0.63 4.93
C PRO A 12 17.46 1.69 5.96
N THR A 13 18.70 2.18 5.90
CA THR A 13 19.17 3.30 6.71
C THR A 13 19.13 4.53 5.79
N ILE A 14 18.43 5.56 6.24
CA ILE A 14 18.27 6.77 5.45
C ILE A 14 19.15 7.85 6.06
N PRO A 15 20.14 8.41 5.31
CA PRO A 15 20.93 9.51 5.88
C PRO A 15 20.01 10.72 6.06
N TYR A 16 20.10 11.39 7.21
CA TYR A 16 19.27 12.55 7.55
C TYR A 16 19.29 13.62 6.44
N HIS A 17 20.45 13.77 5.80
CA HIS A 17 20.67 14.75 4.74
C HIS A 17 19.85 14.42 3.46
N LYS A 18 19.26 13.20 3.37
CA LYS A 18 18.40 12.79 2.24
C LYS A 18 16.94 13.21 2.44
N LEU A 19 16.62 13.70 3.64
CA LEU A 19 15.28 14.20 4.00
C LEU A 19 15.27 15.70 3.77
N ALA A 20 14.61 16.14 2.70
CA ALA A 20 14.49 17.55 2.34
C ALA A 20 13.12 18.09 2.81
N ASP A 21 13.00 19.44 2.94
CA ASP A 21 11.79 20.16 3.37
C ASP A 21 11.21 19.62 4.69
N LEU A 22 12.09 19.33 5.65
CA LEU A 22 11.67 18.80 6.95
C LEU A 22 10.85 19.88 7.73
N ARG A 23 9.56 19.58 8.02
CA ARG A 23 8.61 20.50 8.67
C ARG A 23 7.87 19.80 9.81
N TYR A 24 7.66 20.50 10.94
CA TYR A 24 6.96 20.02 12.13
C TYR A 24 5.48 19.72 11.81
N LEU A 25 4.96 18.61 12.36
CA LEU A 25 3.55 18.22 12.19
C LEU A 25 2.84 18.23 13.56
N SER A 26 3.25 17.30 14.47
CA SER A 26 2.71 17.13 15.83
C SER A 26 3.80 16.66 16.83
N ARG A 27 3.42 16.54 18.13
CA ARG A 27 4.28 16.10 19.25
C ARG A 27 3.48 15.25 20.27
N GLY A 28 4.10 14.17 20.76
CA GLY A 28 3.49 13.25 21.72
C GLY A 28 4.49 12.52 22.58
N SER A 30 4.20 9.11 20.41
CA SER A 30 5.38 8.71 21.20
C SER A 30 6.65 9.48 20.79
N GLY A 31 6.46 10.75 20.44
CA GLY A 31 7.50 11.67 20.00
C GLY A 31 7.00 12.70 19.00
N THR A 32 7.93 13.43 18.35
CA THR A 32 7.61 14.46 17.36
C THR A 32 7.47 13.89 15.96
N VAL A 33 6.36 14.24 15.27
CA VAL A 33 6.15 13.84 13.88
C VAL A 33 6.43 15.05 12.98
N SER A 34 7.20 14.83 11.92
CA SER A 34 7.59 15.85 10.95
C SER A 34 7.39 15.27 9.54
N SER A 35 7.10 16.11 8.55
CA SER A 35 6.95 15.67 7.17
C SER A 35 8.21 16.09 6.43
N ALA A 36 8.52 15.39 5.34
CA ALA A 36 9.69 15.68 4.50
C ALA A 36 9.49 14.98 3.17
N ARG A 37 10.44 15.16 2.27
CA ARG A 37 10.49 14.43 0.99
C ARG A 37 11.86 13.74 0.90
N HIS A 38 11.89 12.48 0.41
CA HIS A 38 13.16 11.78 0.23
C HIS A 38 13.81 12.31 -1.07
N ALA A 39 15.01 12.88 -0.97
CA ALA A 39 15.72 13.49 -2.11
C ALA A 39 15.96 12.56 -3.29
N ASP A 40 16.17 11.26 -3.03
CA ASP A 40 16.44 10.28 -4.07
C ASP A 40 15.18 9.54 -4.54
N TRP A 41 14.26 9.20 -3.61
CA TRP A 41 13.06 8.44 -3.94
C TRP A 41 11.91 9.28 -4.49
N ARG A 42 11.96 10.61 -4.27
CA ARG A 42 10.99 11.60 -4.77
C ARG A 42 9.57 11.38 -4.24
N VAL A 43 9.48 10.93 -3.00
CA VAL A 43 8.20 10.70 -2.34
C VAL A 43 8.16 11.52 -1.05
N GLN A 44 6.94 11.79 -0.55
CA GLN A 44 6.72 12.48 0.71
C GLN A 44 6.78 11.42 1.76
N VAL A 45 7.39 11.72 2.89
CA VAL A 45 7.53 10.77 4.00
C VAL A 45 7.14 11.45 5.30
N ALA A 46 7.04 10.67 6.38
CA ALA A 46 6.85 11.19 7.73
C ALA A 46 8.02 10.68 8.56
N VAL A 47 8.49 11.49 9.54
CA VAL A 47 9.62 11.17 10.42
C VAL A 47 9.18 11.32 11.87
N LYS A 48 9.33 10.26 12.68
CA LYS A 48 9.02 10.27 14.10
C LYS A 48 10.35 10.13 14.83
N HIS A 49 10.76 11.21 15.52
CA HIS A 49 12.03 11.33 16.25
C HIS A 49 11.79 11.80 17.67
N LEU A 56 19.93 14.09 23.82
CA LEU A 56 20.38 12.74 23.47
C LEU A 56 20.37 11.79 24.67
N LEU A 57 19.88 10.55 24.47
CA LEU A 57 19.80 9.49 25.49
C LEU A 57 20.02 8.10 24.89
N ASP A 58 20.56 7.15 25.70
CA ASP A 58 20.84 5.77 25.29
C ASP A 58 19.62 4.83 25.40
N SER A 59 18.80 4.99 26.46
CA SER A 59 17.60 4.18 26.70
C SER A 59 16.49 4.52 25.70
N GLU A 60 16.44 5.80 25.30
CA GLU A 60 15.48 6.34 24.32
C GLU A 60 15.81 5.82 22.92
N ARG A 61 17.12 5.57 22.65
CA ARG A 61 17.66 5.06 21.39
C ARG A 61 17.14 3.64 21.12
N LYS A 62 17.25 2.75 22.12
CA LYS A 62 16.80 1.35 22.08
C LYS A 62 15.29 1.27 21.81
N ASP A 63 14.51 2.23 22.37
CA ASP A 63 13.07 2.36 22.22
C ASP A 63 12.65 2.67 20.79
N VAL A 64 13.35 3.61 20.12
CA VAL A 64 13.09 3.99 18.73
C VAL A 64 13.41 2.79 17.82
N LEU A 65 14.53 2.09 18.09
CA LEU A 65 14.97 0.91 17.34
C LEU A 65 14.01 -0.27 17.52
N ARG A 66 13.44 -0.39 18.73
CA ARG A 66 12.47 -1.42 19.08
C ARG A 66 11.20 -1.22 18.24
N GLU A 67 10.70 0.05 18.19
CA GLU A 67 9.51 0.43 17.44
C GLU A 67 9.68 0.14 15.94
N ALA A 68 10.85 0.55 15.38
CA ALA A 68 11.23 0.37 13.98
C ALA A 68 11.26 -1.11 13.63
N GLU A 69 11.85 -1.95 14.52
CA GLU A 69 11.90 -3.40 14.36
C GLU A 69 10.50 -4.00 14.29
N ILE A 70 9.60 -3.55 15.19
CA ILE A 70 8.21 -3.98 15.25
C ILE A 70 7.47 -3.64 13.95
N LEU A 71 7.56 -2.37 13.50
CA LEU A 71 6.91 -1.94 12.24
C LEU A 71 7.43 -2.71 11.02
N HIS A 72 8.73 -2.97 10.97
CA HIS A 72 9.39 -3.73 9.90
C HIS A 72 8.88 -5.17 9.88
N LYS A 73 8.80 -5.81 11.06
CA LYS A 73 8.33 -7.19 11.18
C LYS A 73 6.82 -7.34 10.96
N ALA A 74 6.02 -6.34 11.39
CA ALA A 74 4.56 -6.37 11.32
C ALA A 74 3.95 -5.81 10.01
N ARG A 75 4.75 -5.66 8.94
CA ARG A 75 4.31 -5.18 7.62
C ARG A 75 3.07 -5.92 7.13
N PHE A 76 2.01 -5.16 6.77
CA PHE A 76 0.72 -5.69 6.29
C PHE A 76 -0.05 -4.50 5.77
N SER A 77 -1.07 -4.77 4.95
CA SER A 77 -1.94 -3.80 4.25
C SER A 77 -2.54 -2.74 5.14
N TYR A 78 -2.81 -3.04 6.42
CA TYR A 78 -3.46 -2.09 7.33
C TYR A 78 -2.55 -1.64 8.46
N ILE A 79 -1.21 -1.82 8.26
CA ILE A 79 -0.20 -1.38 9.21
C ILE A 79 0.62 -0.28 8.53
N LEU A 80 0.88 0.84 9.26
CA LEU A 80 1.71 1.94 8.73
C LEU A 80 3.03 1.42 8.14
N PRO A 81 3.24 1.60 6.81
CA PRO A 81 4.49 1.09 6.19
C PRO A 81 5.70 1.88 6.59
N ILE A 82 6.75 1.19 7.11
CA ILE A 82 8.03 1.81 7.49
C ILE A 82 8.92 1.81 6.23
N LEU A 83 9.55 2.95 5.92
CA LEU A 83 10.41 3.09 4.74
C LEU A 83 11.89 2.93 5.07
N GLY A 84 12.25 3.27 6.30
CA GLY A 84 13.60 3.15 6.79
C GLY A 84 13.83 3.76 8.16
N ILE A 85 15.09 3.68 8.60
CA ILE A 85 15.56 4.20 9.89
C ILE A 85 16.65 5.25 9.69
N CYS A 86 16.55 6.34 10.46
CA CYS A 86 17.52 7.43 10.53
C CYS A 86 18.32 7.11 11.79
N ASN A 87 19.56 6.61 11.63
CA ASN A 87 20.40 6.22 12.76
C ASN A 87 21.80 6.85 12.66
N GLU A 88 21.88 8.12 13.06
CA GLU A 88 23.09 8.94 13.00
C GLU A 88 23.46 9.44 14.40
N PRO A 89 24.73 9.85 14.67
CA PRO A 89 25.05 10.38 16.01
C PRO A 89 24.21 11.62 16.33
N GLU A 90 24.07 12.47 15.30
CA GLU A 90 23.36 13.75 15.30
C GLU A 90 21.81 13.61 15.24
N PHE A 91 21.25 12.52 14.66
CA PHE A 91 19.80 12.33 14.54
C PHE A 91 19.33 10.87 14.55
N LEU A 92 18.19 10.60 15.23
CA LEU A 92 17.57 9.27 15.29
C LEU A 92 16.06 9.37 15.06
N GLY A 93 15.57 8.64 14.05
CA GLY A 93 14.15 8.65 13.74
C GLY A 93 13.67 7.53 12.85
N ILE A 94 12.34 7.37 12.80
CA ILE A 94 11.63 6.35 12.02
C ILE A 94 10.99 7.02 10.79
N VAL A 95 11.36 6.55 9.59
CA VAL A 95 10.79 7.08 8.35
C VAL A 95 9.67 6.15 7.87
N THR A 96 8.47 6.72 7.69
CA THR A 96 7.29 5.99 7.24
C THR A 96 6.66 6.69 6.04
N GLU A 97 5.62 6.07 5.47
CA GLU A 97 4.87 6.69 4.38
C GLU A 97 4.09 7.87 4.97
N TYR A 98 3.92 8.93 4.20
CA TYR A 98 3.16 10.07 4.64
C TYR A 98 1.67 9.76 4.46
N MET A 99 0.84 10.03 5.49
CA MET A 99 -0.60 9.78 5.50
C MET A 99 -1.27 11.13 5.33
N PRO A 100 -1.77 11.45 4.12
CA PRO A 100 -2.25 12.83 3.87
C PRO A 100 -3.56 13.20 4.55
N ASN A 101 -4.35 12.21 4.97
CA ASN A 101 -5.66 12.43 5.56
C ASN A 101 -5.72 12.30 7.05
N GLY A 102 -4.59 12.44 7.72
CA GLY A 102 -4.49 12.45 9.18
C GLY A 102 -4.94 11.21 9.92
N SER A 103 -5.65 11.40 11.05
CA SER A 103 -6.12 10.34 11.93
C SER A 103 -7.62 10.20 11.89
N LEU A 104 -8.11 9.09 12.42
CA LEU A 104 -9.54 8.81 12.55
C LEU A 104 -10.18 9.80 13.53
N ASN A 105 -9.43 10.23 14.55
CA ASN A 105 -9.87 11.23 15.50
C ASN A 105 -10.29 12.51 14.78
N GLU A 106 -9.46 13.02 13.86
CA GLU A 106 -9.73 14.21 13.07
C GLU A 106 -10.97 14.05 12.18
N LEU A 107 -11.11 12.91 11.51
CA LEU A 107 -12.27 12.63 10.67
C LEU A 107 -13.60 12.63 11.44
N LEU A 108 -13.61 12.00 12.65
CA LEU A 108 -14.80 11.91 13.48
C LEU A 108 -15.21 13.18 14.17
N HIS A 109 -14.24 13.97 14.63
CA HIS A 109 -14.53 15.12 15.46
C HIS A 109 -14.41 16.48 14.76
N ARG A 110 -13.83 16.56 13.56
CA ARG A 110 -13.81 17.83 12.82
C ARG A 110 -15.10 17.89 11.95
N LYS A 111 -16.25 18.12 12.59
CA LYS A 111 -17.60 18.12 11.99
C LYS A 111 -17.89 19.32 11.06
N THR A 112 -17.07 20.38 11.15
CA THR A 112 -17.20 21.52 10.25
C THR A 112 -16.52 21.12 8.95
N GLU A 113 -15.25 20.71 9.01
CA GLU A 113 -14.45 20.23 7.89
C GLU A 113 -15.12 19.00 7.23
N TYR A 114 -15.74 18.12 8.04
CA TYR A 114 -16.39 16.88 7.57
C TYR A 114 -17.83 16.77 8.07
N PRO A 115 -18.80 17.49 7.45
CA PRO A 115 -20.21 17.37 7.91
C PRO A 115 -20.78 15.97 7.75
N ASP A 116 -20.42 15.27 6.66
CA ASP A 116 -20.92 13.94 6.33
C ASP A 116 -19.82 12.92 6.15
N VAL A 117 -19.88 11.80 6.90
CA VAL A 117 -18.94 10.68 6.79
C VAL A 117 -19.89 9.49 6.58
N ALA A 118 -20.09 9.12 5.31
CA ALA A 118 -21.05 8.08 4.94
C ALA A 118 -20.78 6.75 5.60
N TRP A 119 -21.89 6.06 5.94
CA TRP A 119 -21.87 4.75 6.56
C TRP A 119 -20.94 3.77 5.88
N PRO A 120 -20.92 3.61 4.50
CA PRO A 120 -20.00 2.62 3.91
C PRO A 120 -18.56 2.86 4.34
N LEU A 121 -18.10 4.13 4.33
CA LEU A 121 -16.73 4.46 4.75
C LEU A 121 -16.48 4.15 6.24
N ARG A 122 -17.45 4.46 7.11
CA ARG A 122 -17.31 4.17 8.56
C ARG A 122 -17.15 2.67 8.77
N PHE A 123 -17.96 1.86 8.07
CA PHE A 123 -17.88 0.39 8.20
C PHE A 123 -16.58 -0.19 7.65
N ARG A 124 -16.06 0.39 6.56
CA ARG A 124 -14.79 -0.01 5.96
C ARG A 124 -13.63 0.28 6.90
N ILE A 125 -13.62 1.46 7.54
CA ILE A 125 -12.58 1.81 8.52
C ILE A 125 -12.57 0.78 9.66
N LEU A 126 -13.76 0.49 10.24
CA LEU A 126 -13.95 -0.49 11.31
C LEU A 126 -13.46 -1.88 10.91
N HIS A 127 -13.78 -2.31 9.66
CA HIS A 127 -13.32 -3.57 9.09
C HIS A 127 -11.78 -3.62 8.98
N GLU A 128 -11.15 -2.54 8.43
CA GLU A 128 -9.69 -2.46 8.26
C GLU A 128 -8.91 -2.37 9.58
N ILE A 129 -9.49 -1.71 10.61
CA ILE A 129 -8.89 -1.69 11.95
C ILE A 129 -8.86 -3.14 12.48
N ALA A 130 -10.01 -3.86 12.37
CA ALA A 130 -10.07 -5.24 12.85
C ALA A 130 -9.11 -6.15 12.06
N LEU A 131 -8.99 -5.95 10.72
CA LEU A 131 -8.07 -6.73 9.86
C LEU A 131 -6.61 -6.50 10.28
N GLY A 132 -6.28 -5.24 10.53
CA GLY A 132 -4.95 -4.84 10.99
C GLY A 132 -4.59 -5.44 12.34
N VAL A 133 -5.53 -5.36 13.35
CA VAL A 133 -5.28 -5.92 14.69
C VAL A 133 -5.21 -7.45 14.64
N ASN A 134 -6.10 -8.09 13.85
CA ASN A 134 -6.14 -9.56 13.71
C ASN A 134 -4.78 -10.08 13.22
N TYR A 135 -4.20 -9.40 12.19
CA TYR A 135 -2.90 -9.75 11.65
C TYR A 135 -1.83 -9.75 12.76
N LEU A 136 -1.75 -8.65 13.55
CA LEU A 136 -0.81 -8.53 14.68
C LEU A 136 -0.98 -9.72 15.65
N HIS A 137 -2.22 -10.04 16.02
CA HIS A 137 -2.54 -11.15 16.92
C HIS A 137 -2.21 -12.54 16.33
N ASN A 138 -2.09 -12.66 14.99
CA ASN A 138 -1.82 -13.93 14.30
C ASN A 138 -0.37 -14.18 14.00
N MET A 139 0.50 -13.23 14.34
CA MET A 139 1.95 -13.28 14.18
C MET A 139 2.57 -14.31 15.13
N THR A 140 3.80 -14.74 14.84
CA THR A 140 4.50 -15.69 15.71
C THR A 140 5.80 -15.05 16.24
N PRO A 141 5.84 -14.64 17.53
CA PRO A 141 4.74 -14.72 18.53
C PRO A 141 3.69 -13.61 18.28
N PRO A 142 2.47 -13.69 18.87
CA PRO A 142 1.48 -12.62 18.62
C PRO A 142 1.95 -11.25 19.11
N LEU A 143 1.62 -10.21 18.35
CA LEU A 143 1.93 -8.86 18.76
C LEU A 143 0.63 -8.24 19.21
N LEU A 144 0.65 -7.66 20.39
CA LEU A 144 -0.52 -7.02 21.00
C LEU A 144 -0.25 -5.53 21.00
N HIS A 145 -1.11 -4.74 20.31
CA HIS A 145 -0.91 -3.28 20.18
C HIS A 145 -0.89 -2.54 21.52
N HIS A 146 -1.91 -2.75 22.36
CA HIS A 146 -2.04 -2.22 23.74
C HIS A 146 -2.05 -0.69 23.85
N ASP A 147 -2.31 0.02 22.75
CA ASP A 147 -2.48 1.48 22.75
C ASP A 147 -3.30 1.94 21.53
N LEU A 148 -4.43 1.25 21.27
CA LEU A 148 -5.34 1.63 20.19
C LEU A 148 -6.20 2.78 20.62
N LYS A 149 -6.18 3.86 19.84
CA LYS A 149 -6.94 5.08 20.02
C LYS A 149 -7.31 5.50 18.60
N THR A 150 -8.33 6.36 18.45
CA THR A 150 -8.68 6.93 17.14
C THR A 150 -7.52 7.81 16.62
N GLN A 151 -6.71 8.39 17.53
CA GLN A 151 -5.53 9.21 17.23
C GLN A 151 -4.44 8.45 16.49
N ASN A 152 -4.32 7.11 16.68
CA ASN A 152 -3.25 6.39 15.98
C ASN A 152 -3.77 5.39 14.90
N ILE A 153 -5.00 5.63 14.41
CA ILE A 153 -5.61 4.98 13.26
C ILE A 153 -5.45 6.06 12.20
N LEU A 154 -4.43 5.92 11.35
CA LEU A 154 -4.13 6.93 10.31
C LEU A 154 -4.85 6.64 8.99
N LEU A 155 -5.07 7.69 8.21
CA LEU A 155 -5.83 7.54 6.96
C LEU A 155 -5.01 7.95 5.73
N ASP A 156 -4.83 7.02 4.81
CA ASP A 156 -4.06 7.30 3.60
C ASP A 156 -4.86 8.16 2.64
N ASN A 157 -4.36 8.35 1.42
CA ASN A 157 -4.95 9.19 0.39
C ASN A 157 -6.40 8.82 -0.01
N GLU A 158 -6.77 7.53 0.09
CA GLU A 158 -8.14 7.11 -0.24
C GLU A 158 -8.90 6.67 0.98
N PHE A 159 -8.45 7.14 2.17
CA PHE A 159 -9.06 6.86 3.47
C PHE A 159 -9.04 5.38 3.84
N HIS A 160 -7.97 4.69 3.46
CA HIS A 160 -7.75 3.32 3.92
C HIS A 160 -6.93 3.46 5.19
N VAL A 161 -7.14 2.53 6.12
CA VAL A 161 -6.53 2.54 7.46
C VAL A 161 -5.09 2.09 7.46
N LYS A 162 -4.29 2.70 8.33
CA LYS A 162 -2.91 2.31 8.64
C LYS A 162 -2.76 2.45 10.15
N ILE A 163 -2.61 1.32 10.86
CA ILE A 163 -2.39 1.38 12.31
C ILE A 163 -0.94 1.82 12.61
N ALA A 164 -0.80 2.85 13.47
CA ALA A 164 0.49 3.41 13.86
C ALA A 164 0.68 3.26 15.37
N ASP A 165 1.82 3.76 15.91
CA ASP A 165 2.25 3.79 17.32
C ASP A 165 2.36 2.43 17.97
N PHE A 166 3.52 1.81 17.81
CA PHE A 166 3.85 0.51 18.38
C PHE A 166 4.79 0.65 19.60
N GLY A 167 4.73 1.81 20.27
CA GLY A 167 5.52 2.14 21.45
C GLY A 167 5.13 1.35 22.69
N LEU A 168 3.82 1.07 22.86
CA LEU A 168 3.30 0.29 24.00
C LEU A 168 3.01 -1.16 23.62
N SER A 169 3.21 -1.49 22.31
CA SER A 169 2.96 -2.83 21.79
C SER A 169 3.88 -3.87 22.42
N LYS A 170 3.34 -5.07 22.69
CA LYS A 170 4.09 -6.17 23.31
C LYS A 170 3.99 -7.50 22.56
N TRP A 171 5.11 -8.24 22.49
CA TRP A 171 5.20 -9.57 21.89
C TRP A 171 4.70 -10.57 22.95
N ARG A 172 3.63 -11.35 22.63
CA ARG A 172 3.03 -12.31 23.54
C ARG A 172 3.95 -13.52 23.84
N MET A 173 4.60 -13.49 25.03
CA MET A 173 5.52 -14.54 25.47
C MET A 173 5.15 -15.05 26.86
N GLY A 188 1.24 8.78 31.00
CA GLY A 188 0.77 8.61 29.63
C GLY A 188 -0.23 9.66 29.16
N GLY A 189 -1.13 9.26 28.24
CA GLY A 189 -2.17 10.09 27.64
C GLY A 189 -3.59 9.72 28.04
N THR A 190 -4.49 9.48 27.03
CA THR A 190 -5.91 9.12 27.26
C THR A 190 -6.08 7.70 27.82
N ILE A 191 -7.14 7.50 28.64
CA ILE A 191 -7.47 6.23 29.27
C ILE A 191 -8.82 5.65 28.81
N ILE A 192 -9.55 6.38 27.94
CA ILE A 192 -10.90 5.99 27.50
C ILE A 192 -10.94 4.65 26.71
N TYR A 193 -9.78 4.20 26.19
CA TYR A 193 -9.68 2.95 25.42
C TYR A 193 -9.07 1.83 26.24
N MET A 194 -8.76 2.08 27.50
CA MET A 194 -8.13 1.13 28.39
C MET A 194 -9.12 0.26 29.21
N PRO A 195 -9.03 -1.10 29.13
CA PRO A 195 -9.94 -1.94 29.93
C PRO A 195 -9.76 -1.72 31.45
N PRO A 196 -10.84 -1.88 32.26
CA PRO A 196 -10.70 -1.64 33.71
C PRO A 196 -9.61 -2.43 34.43
N GLU A 197 -9.36 -3.69 34.01
CA GLU A 197 -8.33 -4.53 34.64
C GLU A 197 -6.91 -3.99 34.48
N ASN A 198 -6.71 -3.01 33.57
CA ASN A 198 -5.40 -2.39 33.35
C ASN A 198 -5.04 -1.28 34.35
N TYR A 199 -5.95 -0.93 35.28
CA TYR A 199 -5.64 0.09 36.26
C TYR A 199 -4.84 -0.53 37.43
N SER A 208 -2.37 -9.85 28.86
CA SER A 208 -3.75 -9.97 28.43
C SER A 208 -3.90 -9.94 26.93
N ILE A 209 -4.64 -10.91 26.39
CA ILE A 209 -4.92 -11.00 24.95
C ILE A 209 -6.31 -10.34 24.64
N LYS A 210 -6.96 -9.73 25.69
CA LYS A 210 -8.31 -9.14 25.60
C LYS A 210 -8.36 -7.60 25.81
N HIS A 211 -7.19 -6.90 25.70
CA HIS A 211 -7.06 -5.45 25.81
C HIS A 211 -7.48 -4.77 24.45
N ASP A 212 -6.88 -5.20 23.31
CA ASP A 212 -7.16 -4.56 22.01
C ASP A 212 -8.64 -4.56 21.60
N ILE A 213 -9.35 -5.63 21.96
CA ILE A 213 -10.79 -5.75 21.67
C ILE A 213 -11.61 -4.72 22.43
N TYR A 214 -11.21 -4.43 23.69
CA TYR A 214 -11.86 -3.43 24.53
C TYR A 214 -11.73 -2.08 23.83
N SER A 215 -10.50 -1.72 23.45
CA SER A 215 -10.15 -0.47 22.76
C SER A 215 -10.97 -0.36 21.47
N TYR A 216 -11.03 -1.45 20.72
CA TYR A 216 -11.80 -1.58 19.48
C TYR A 216 -13.29 -1.33 19.71
N ALA A 217 -13.87 -1.87 20.82
CA ALA A 217 -15.28 -1.65 21.15
C ALA A 217 -15.59 -0.14 21.37
N VAL A 218 -14.66 0.59 22.06
CA VAL A 218 -14.76 2.03 22.30
C VAL A 218 -14.64 2.79 20.96
N ILE A 219 -13.65 2.42 20.11
CA ILE A 219 -13.46 3.01 18.78
C ILE A 219 -14.72 2.86 17.93
N THR A 220 -15.34 1.66 17.94
CA THR A 220 -16.56 1.36 17.19
C THR A 220 -17.68 2.30 17.63
N TRP A 221 -17.84 2.46 18.95
CA TRP A 221 -18.85 3.32 19.54
C TRP A 221 -18.68 4.76 19.05
N GLU A 222 -17.42 5.22 19.08
CA GLU A 222 -16.96 6.56 18.68
C GLU A 222 -17.16 6.79 17.18
N VAL A 223 -16.85 5.77 16.33
CA VAL A 223 -17.04 5.86 14.88
C VAL A 223 -18.53 6.02 14.55
N LEU A 224 -19.38 5.19 15.17
CA LEU A 224 -20.83 5.21 14.90
C LEU A 224 -21.60 6.38 15.51
N SER A 225 -21.06 7.00 16.58
CA SER A 225 -21.74 8.11 17.24
C SER A 225 -21.22 9.48 16.88
N ARG A 226 -19.93 9.59 16.49
CA ARG A 226 -19.17 10.82 16.27
C ARG A 226 -19.15 11.66 17.57
N LYS A 227 -19.33 10.97 18.70
CA LYS A 227 -19.33 11.55 20.02
C LYS A 227 -18.05 11.20 20.72
N GLN A 228 -17.65 12.06 21.66
CA GLN A 228 -16.49 11.84 22.49
C GLN A 228 -16.99 10.94 23.66
N PRO A 229 -16.41 9.73 23.89
CA PRO A 229 -16.86 8.89 25.03
C PRO A 229 -16.85 9.66 26.36
N PHE A 230 -17.88 9.47 27.22
CA PHE A 230 -18.01 10.16 28.52
C PHE A 230 -17.90 11.70 28.38
N GLU A 231 -18.80 12.32 27.57
CA GLU A 231 -18.82 13.77 27.26
C GLU A 231 -18.96 14.68 28.49
N ASP A 232 -19.82 14.27 29.43
CA ASP A 232 -20.18 15.00 30.65
C ASP A 232 -19.14 14.90 31.79
N VAL A 233 -18.03 14.20 31.53
CA VAL A 233 -17.02 13.95 32.55
C VAL A 233 -15.87 14.98 32.55
N THR A 234 -15.74 15.67 33.71
CA THR A 234 -14.69 16.68 33.92
C THR A 234 -13.32 16.01 34.17
N ASN A 235 -13.22 15.12 35.17
CA ASN A 235 -11.96 14.47 35.52
C ASN A 235 -11.78 13.09 34.90
N PRO A 236 -10.60 12.77 34.31
CA PRO A 236 -10.38 11.39 33.79
C PRO A 236 -10.45 10.30 34.87
N LEU A 237 -10.25 10.68 36.17
CA LEU A 237 -10.39 9.78 37.31
C LEU A 237 -11.85 9.37 37.46
N GLN A 238 -12.80 10.28 37.10
CA GLN A 238 -14.24 9.98 37.13
C GLN A 238 -14.59 8.96 36.07
N ILE A 239 -13.83 8.92 34.97
CA ILE A 239 -14.04 7.93 33.91
C ILE A 239 -13.55 6.57 34.45
N MET A 240 -12.30 6.52 34.95
CA MET A 240 -11.71 5.34 35.55
C MET A 240 -12.62 4.76 36.63
N TYR A 241 -13.22 5.62 37.46
CA TYR A 241 -14.13 5.12 38.50
C TYR A 241 -15.38 4.50 37.86
N SER A 242 -16.00 5.19 36.89
CA SER A 242 -17.21 4.69 36.21
C SER A 242 -16.95 3.36 35.54
N VAL A 243 -15.87 3.28 34.75
CA VAL A 243 -15.48 2.07 34.02
C VAL A 243 -15.25 0.89 34.98
N SER A 244 -14.54 1.09 36.09
CA SER A 244 -14.28 0.02 37.06
C SER A 244 -15.57 -0.52 37.69
N GLN A 245 -16.65 0.29 37.71
CA GLN A 245 -17.98 -0.02 38.24
C GLN A 245 -18.88 -0.61 37.13
N GLY A 246 -18.32 -0.85 35.94
CA GLY A 246 -19.00 -1.47 34.80
C GLY A 246 -19.75 -0.52 33.88
N HIS A 247 -19.60 0.80 34.10
CA HIS A 247 -20.25 1.82 33.27
C HIS A 247 -19.48 2.06 32.00
N ARG A 248 -20.19 2.33 30.92
CA ARG A 248 -19.59 2.48 29.59
C ARG A 248 -20.16 3.68 28.87
N PRO A 249 -19.53 4.16 27.74
CA PRO A 249 -20.16 5.24 26.95
C PRO A 249 -21.64 4.87 26.67
N VAL A 250 -22.55 5.88 26.70
CA VAL A 250 -23.99 5.60 26.58
C VAL A 250 -24.41 5.08 25.22
N ILE A 251 -25.31 4.11 25.27
CA ILE A 251 -25.98 3.50 24.12
C ILE A 251 -27.47 3.82 24.26
N ASN A 252 -27.92 4.80 23.48
CA ASN A 252 -29.32 5.26 23.44
C ASN A 252 -29.60 5.79 22.02
N GLU A 253 -30.79 6.39 21.80
CA GLU A 253 -31.23 6.95 20.52
C GLU A 253 -30.44 8.21 20.16
N GLU A 254 -29.99 8.97 21.17
CA GLU A 254 -29.24 10.21 20.99
C GLU A 254 -27.83 9.94 20.49
N SER A 255 -27.09 9.01 21.16
CA SER A 255 -25.70 8.64 20.80
C SER A 255 -25.67 7.77 19.57
N LEU A 256 -26.55 6.76 19.54
CA LEU A 256 -26.63 5.83 18.41
C LEU A 256 -28.04 5.85 17.81
N PRO A 257 -28.31 6.75 16.83
CA PRO A 257 -29.67 6.83 16.24
C PRO A 257 -30.14 5.53 15.60
N TYR A 258 -31.47 5.35 15.55
CA TYR A 258 -32.12 4.13 15.05
C TYR A 258 -31.88 3.88 13.55
N ASP A 259 -31.47 4.92 12.80
CA ASP A 259 -31.20 4.85 11.35
C ASP A 259 -29.80 4.28 10.97
N ILE A 260 -28.94 3.98 11.98
CA ILE A 260 -27.60 3.43 11.72
C ILE A 260 -27.75 2.05 11.06
N PRO A 261 -27.20 1.80 9.86
CA PRO A 261 -27.25 0.44 9.29
C PRO A 261 -26.71 -0.61 10.27
N HIS A 262 -27.39 -1.75 10.39
CA HIS A 262 -27.00 -2.89 11.22
C HIS A 262 -26.79 -2.53 12.70
N ARG A 263 -27.63 -1.60 13.21
CA ARG A 263 -27.54 -1.05 14.55
C ARG A 263 -27.50 -2.13 15.64
N ALA A 264 -28.47 -3.06 15.61
CA ALA A 264 -28.54 -4.13 16.60
C ALA A 264 -27.23 -4.96 16.62
N ARG A 265 -26.77 -5.37 15.46
CA ARG A 265 -25.56 -6.17 15.34
C ARG A 265 -24.31 -5.44 15.88
N MET A 266 -24.15 -4.14 15.53
CA MET A 266 -23.05 -3.28 15.97
C MET A 266 -23.07 -3.06 17.49
N ILE A 267 -24.28 -2.85 18.07
CA ILE A 267 -24.46 -2.72 19.52
C ILE A 267 -24.01 -3.99 20.26
N SER A 268 -24.40 -5.16 19.72
CA SER A 268 -23.98 -6.47 20.25
C SER A 268 -22.45 -6.62 20.26
N LEU A 269 -21.78 -6.24 19.17
CA LEU A 269 -20.34 -6.29 19.00
C LEU A 269 -19.67 -5.36 20.03
N ILE A 270 -20.12 -4.09 20.10
CA ILE A 270 -19.66 -3.09 21.06
C ILE A 270 -19.75 -3.62 22.50
N GLU A 271 -20.96 -4.05 22.91
CA GLU A 271 -21.22 -4.54 24.29
C GLU A 271 -20.45 -5.80 24.66
N SER A 272 -20.23 -6.73 23.71
CA SER A 272 -19.42 -7.91 24.00
C SER A 272 -17.91 -7.51 24.09
N GLY A 273 -17.45 -6.68 23.16
CA GLY A 273 -16.09 -6.16 23.11
C GLY A 273 -15.61 -5.43 24.35
N TRP A 274 -16.50 -4.63 25.01
CA TRP A 274 -16.11 -3.89 26.21
C TRP A 274 -16.67 -4.51 27.50
N ALA A 275 -16.97 -5.83 27.48
CA ALA A 275 -17.48 -6.55 28.65
C ALA A 275 -16.53 -6.42 29.83
N GLN A 276 -17.08 -6.33 31.06
CA GLN A 276 -16.27 -6.22 32.28
C GLN A 276 -15.35 -7.45 32.43
N ASN A 277 -15.87 -8.66 32.15
CA ASN A 277 -15.12 -9.91 32.21
C ASN A 277 -14.36 -10.09 30.88
N PRO A 278 -13.01 -10.02 30.91
CA PRO A 278 -12.21 -10.19 29.66
C PRO A 278 -12.51 -11.48 28.89
N ASP A 279 -12.83 -12.57 29.60
CA ASP A 279 -13.13 -13.89 29.03
C ASP A 279 -14.38 -13.85 28.15
N GLU A 280 -15.26 -12.85 28.34
CA GLU A 280 -16.51 -12.69 27.59
C GLU A 280 -16.36 -11.82 26.33
N ARG A 281 -15.17 -11.23 26.14
CA ARG A 281 -14.84 -10.38 24.99
C ARG A 281 -14.45 -11.26 23.81
N PRO A 282 -14.86 -10.95 22.57
CA PRO A 282 -14.51 -11.84 21.47
C PRO A 282 -13.08 -11.69 20.95
N SER A 283 -12.63 -12.71 20.20
CA SER A 283 -11.36 -12.70 19.49
C SER A 283 -11.59 -11.79 18.26
N PHE A 284 -10.51 -11.35 17.57
CA PHE A 284 -10.66 -10.56 16.35
C PHE A 284 -11.22 -11.40 15.23
N LEU A 285 -10.96 -12.72 15.24
CA LEU A 285 -11.54 -13.66 14.28
C LEU A 285 -13.10 -13.58 14.32
N LYS A 286 -13.67 -13.76 15.52
CA LYS A 286 -15.12 -13.73 15.74
C LYS A 286 -15.67 -12.39 15.28
N CYS A 287 -15.01 -11.31 15.66
CA CYS A 287 -15.34 -9.95 15.30
C CYS A 287 -15.35 -9.77 13.77
N LEU A 288 -14.38 -10.36 13.09
CA LEU A 288 -14.28 -10.30 11.66
C LEU A 288 -15.35 -11.10 10.95
N ILE A 289 -15.68 -12.30 11.46
CA ILE A 289 -16.77 -13.16 10.94
C ILE A 289 -18.15 -12.44 11.11
N GLU A 290 -18.31 -11.62 12.16
CA GLU A 290 -19.49 -10.80 12.41
C GLU A 290 -19.59 -9.65 11.36
N LEU A 291 -18.46 -8.93 11.08
CA LEU A 291 -18.38 -7.77 10.17
C LEU A 291 -18.44 -8.10 8.67
N GLU A 292 -17.93 -9.29 8.27
CA GLU A 292 -17.92 -9.68 6.85
C GLU A 292 -19.34 -9.62 6.19
N PRO A 293 -20.44 -10.17 6.77
CA PRO A 293 -21.75 -10.02 6.12
C PRO A 293 -22.25 -8.58 6.02
N VAL A 294 -21.85 -7.72 6.97
CA VAL A 294 -22.18 -6.29 6.97
C VAL A 294 -21.51 -5.56 5.77
N LEU A 295 -20.20 -5.78 5.57
CA LEU A 295 -19.45 -5.13 4.50
C LEU A 295 -19.88 -5.55 3.14
N ARG A 296 -20.40 -6.78 3.00
CA ARG A 296 -20.90 -7.30 1.72
C ARG A 296 -22.17 -6.60 1.24
N THR A 297 -22.92 -5.90 2.14
CA THR A 297 -24.13 -5.16 1.81
C THR A 297 -23.84 -3.83 1.10
N PHE A 298 -22.58 -3.37 1.09
CA PHE A 298 -22.18 -2.12 0.45
C PHE A 298 -21.53 -2.38 -0.92
N GLU A 299 -22.06 -1.77 -1.97
CA GLU A 299 -21.43 -1.88 -3.30
C GLU A 299 -20.11 -1.08 -3.31
N GLU A 300 -19.15 -1.50 -4.11
CA GLU A 300 -17.82 -0.92 -4.16
C GLU A 300 -17.77 0.58 -4.44
N ILE A 301 -18.63 1.07 -5.34
CA ILE A 301 -18.69 2.47 -5.73
C ILE A 301 -19.13 3.40 -4.57
N THR A 302 -19.90 2.87 -3.58
CA THR A 302 -20.34 3.67 -2.42
C THR A 302 -19.18 4.12 -1.55
N PHE A 303 -18.07 3.34 -1.52
CA PHE A 303 -16.84 3.70 -0.78
C PHE A 303 -16.16 4.86 -1.48
N LEU A 304 -16.12 4.81 -2.83
CA LEU A 304 -15.53 5.84 -3.65
C LEU A 304 -16.30 7.14 -3.51
N GLU A 305 -17.64 7.04 -3.51
CA GLU A 305 -18.54 8.19 -3.39
C GLU A 305 -18.48 8.85 -2.01
N ALA A 306 -18.23 8.05 -0.95
CA ALA A 306 -18.10 8.53 0.42
C ALA A 306 -16.86 9.40 0.52
N VAL A 307 -15.75 8.96 -0.10
CA VAL A 307 -14.45 9.66 -0.11
C VAL A 307 -14.52 10.95 -0.91
N ILE A 308 -15.09 10.93 -2.14
CA ILE A 308 -15.20 12.15 -2.96
C ILE A 308 -16.05 13.21 -2.23
N GLN A 309 -17.03 12.81 -1.41
CA GLN A 309 -17.90 13.70 -0.65
C GLN A 309 -17.07 14.46 0.40
N LEU A 310 -15.96 13.87 0.88
CA LEU A 310 -15.06 14.49 1.86
C LEU A 310 -14.08 15.51 1.24
N LYS A 311 -13.85 15.45 -0.10
CA LYS A 311 -12.91 16.32 -0.83
C LYS A 311 -13.50 17.66 -1.23
N GLU B 5 23.78 -4.86 13.67
CA GLU B 5 23.16 -3.54 13.55
C GLU B 5 21.88 -3.56 12.71
N ALA B 6 21.81 -4.47 11.71
CA ALA B 6 20.70 -4.61 10.77
C ALA B 6 19.39 -5.15 11.36
N ILE B 7 18.28 -4.53 10.95
CA ILE B 7 16.94 -4.96 11.37
C ILE B 7 16.40 -5.86 10.24
N CYS B 8 16.30 -7.19 10.50
CA CYS B 8 15.85 -8.17 9.50
C CYS B 8 14.44 -8.80 9.77
N SER B 9 13.50 -8.60 8.83
CA SER B 9 12.13 -9.11 8.82
C SER B 9 12.10 -10.40 8.01
N ALA B 10 11.47 -11.44 8.54
CA ALA B 10 11.39 -12.73 7.84
C ALA B 10 10.09 -12.82 7.08
N LEU B 11 10.12 -13.38 5.87
CA LEU B 11 8.91 -13.57 5.07
C LEU B 11 8.10 -14.77 5.63
N PRO B 12 6.80 -14.61 5.95
CA PRO B 12 6.04 -15.73 6.50
C PRO B 12 5.87 -16.89 5.53
N THR B 13 5.76 -18.11 6.09
CA THR B 13 5.42 -19.32 5.34
C THR B 13 3.92 -19.55 5.58
N ILE B 14 3.17 -19.66 4.50
CA ILE B 14 1.73 -19.84 4.59
C ILE B 14 1.44 -21.30 4.22
N PRO B 15 0.81 -22.09 5.13
CA PRO B 15 0.44 -23.46 4.74
C PRO B 15 -0.65 -23.35 3.67
N TYR B 16 -0.52 -24.14 2.59
CA TYR B 16 -1.46 -24.18 1.47
C TYR B 16 -2.92 -24.33 1.95
N HIS B 17 -3.13 -25.12 3.02
CA HIS B 17 -4.44 -25.39 3.58
C HIS B 17 -5.07 -24.13 4.22
N LYS B 18 -4.31 -23.04 4.39
CA LYS B 18 -4.81 -21.76 4.93
C LYS B 18 -5.41 -20.87 3.82
N LEU B 19 -5.22 -21.27 2.57
CA LEU B 19 -5.75 -20.58 1.39
C LEU B 19 -7.10 -21.25 1.03
N ALA B 20 -8.19 -20.54 1.30
CA ALA B 20 -9.55 -20.99 1.00
C ALA B 20 -10.04 -20.32 -0.29
N ASP B 21 -11.09 -20.90 -0.92
CA ASP B 21 -11.71 -20.43 -2.20
C ASP B 21 -10.68 -20.21 -3.31
N LEU B 22 -9.72 -21.14 -3.45
CA LEU B 22 -8.67 -21.03 -4.46
C LEU B 22 -9.30 -21.19 -5.88
N ARG B 23 -9.22 -20.14 -6.72
CA ARG B 23 -9.81 -20.06 -8.07
C ARG B 23 -8.80 -19.58 -9.09
N TYR B 24 -8.74 -20.23 -10.27
CA TYR B 24 -7.84 -19.89 -11.38
C TYR B 24 -8.14 -18.48 -11.91
N LEU B 25 -7.08 -17.68 -12.12
CA LEU B 25 -7.19 -16.35 -12.73
C LEU B 25 -6.64 -16.38 -14.16
N SER B 26 -5.31 -16.58 -14.30
CA SER B 26 -4.59 -16.64 -15.57
C SER B 26 -3.52 -17.74 -15.53
N ARG B 27 -2.73 -17.89 -16.62
CA ARG B 27 -1.66 -18.90 -16.73
C ARG B 27 -0.30 -18.32 -17.12
N GLY B 31 4.25 -18.35 -14.53
CA GLY B 31 3.45 -19.37 -13.85
C GLY B 31 1.96 -19.10 -13.81
N THR B 32 1.21 -19.94 -13.06
CA THR B 32 -0.25 -19.81 -12.94
C THR B 32 -0.64 -18.89 -11.78
N VAL B 33 -1.57 -17.92 -12.04
CA VAL B 33 -2.09 -17.01 -11.02
C VAL B 33 -3.51 -17.43 -10.57
N SER B 34 -3.70 -17.63 -9.26
CA SER B 34 -4.98 -17.98 -8.65
C SER B 34 -5.33 -16.95 -7.59
N SER B 35 -6.63 -16.76 -7.31
CA SER B 35 -7.09 -15.89 -6.21
C SER B 35 -7.56 -16.80 -5.08
N ALA B 36 -7.54 -16.30 -3.86
CA ALA B 36 -7.96 -17.05 -2.67
C ALA B 36 -8.16 -16.07 -1.55
N ARG B 37 -8.60 -16.57 -0.39
CA ARG B 37 -8.70 -15.79 0.85
C ARG B 37 -7.88 -16.51 1.93
N HIS B 38 -7.16 -15.75 2.77
CA HIS B 38 -6.37 -16.36 3.85
C HIS B 38 -7.36 -16.66 5.01
N ALA B 39 -7.50 -17.94 5.40
CA ALA B 39 -8.45 -18.37 6.44
C ALA B 39 -8.29 -17.67 7.79
N ASP B 40 -7.03 -17.30 8.16
CA ASP B 40 -6.78 -16.64 9.44
C ASP B 40 -6.74 -15.12 9.33
N TRP B 41 -6.19 -14.56 8.24
CA TRP B 41 -6.04 -13.12 8.06
C TRP B 41 -7.27 -12.42 7.52
N ARG B 42 -8.21 -13.18 6.93
CA ARG B 42 -9.50 -12.73 6.43
C ARG B 42 -9.39 -11.68 5.31
N VAL B 43 -8.34 -11.82 4.48
CA VAL B 43 -8.11 -10.95 3.35
C VAL B 43 -8.06 -11.79 2.08
N GLN B 44 -8.30 -11.14 0.92
CA GLN B 44 -8.19 -11.77 -0.40
C GLN B 44 -6.75 -11.68 -0.77
N VAL B 45 -6.21 -12.72 -1.40
CA VAL B 45 -4.80 -12.77 -1.80
C VAL B 45 -4.72 -13.27 -3.23
N ALA B 46 -3.51 -13.19 -3.82
CA ALA B 46 -3.23 -13.81 -5.13
C ALA B 46 -2.08 -14.79 -4.91
N VAL B 47 -2.08 -15.92 -5.64
CA VAL B 47 -1.09 -16.99 -5.54
C VAL B 47 -0.50 -17.27 -6.92
N LYS B 48 0.82 -17.11 -7.06
CA LYS B 48 1.55 -17.43 -8.29
C LYS B 48 2.29 -18.68 -7.94
N HIS B 49 1.96 -19.83 -8.60
CA HIS B 49 2.56 -21.16 -8.38
C HIS B 49 3.15 -21.73 -9.66
N LEU B 57 9.87 -30.00 -9.80
CA LEU B 57 11.23 -29.73 -10.25
C LEU B 57 12.04 -28.95 -9.22
N ASP B 58 13.37 -29.17 -9.17
CA ASP B 58 14.30 -28.52 -8.24
C ASP B 58 14.80 -27.14 -8.73
N SER B 59 15.04 -27.00 -10.05
CA SER B 59 15.51 -25.75 -10.66
C SER B 59 14.40 -24.68 -10.69
N GLU B 60 13.13 -25.11 -10.88
CA GLU B 60 11.94 -24.24 -10.88
C GLU B 60 11.63 -23.76 -9.45
N ARG B 61 12.03 -24.55 -8.42
CA ARG B 61 11.85 -24.25 -7.00
C ARG B 61 12.70 -23.02 -6.60
N LYS B 62 14.00 -23.05 -6.98
CA LYS B 62 15.03 -22.04 -6.75
C LYS B 62 14.62 -20.69 -7.35
N ASP B 63 13.92 -20.73 -8.51
CA ASP B 63 13.42 -19.58 -9.25
C ASP B 63 12.26 -18.87 -8.53
N VAL B 64 11.29 -19.65 -8.00
CA VAL B 64 10.14 -19.13 -7.25
C VAL B 64 10.66 -18.46 -5.97
N LEU B 65 11.63 -19.11 -5.27
CA LEU B 65 12.25 -18.59 -4.05
C LEU B 65 13.07 -17.32 -4.29
N ARG B 66 13.69 -17.25 -5.48
CA ARG B 66 14.50 -16.11 -5.90
C ARG B 66 13.58 -14.88 -6.06
N GLU B 67 12.43 -15.06 -6.76
CA GLU B 67 11.46 -14.00 -6.97
C GLU B 67 10.87 -13.50 -5.65
N ALA B 68 10.48 -14.44 -4.76
CA ALA B 68 9.93 -14.15 -3.45
C ALA B 68 10.92 -13.32 -2.63
N GLU B 69 12.22 -13.69 -2.66
CA GLU B 69 13.30 -12.98 -1.98
C GLU B 69 13.41 -11.53 -2.50
N ILE B 70 13.35 -11.36 -3.83
CA ILE B 70 13.41 -10.06 -4.48
C ILE B 70 12.24 -9.18 -4.07
N LEU B 71 10.99 -9.71 -4.16
CA LEU B 71 9.79 -8.97 -3.75
C LEU B 71 9.83 -8.55 -2.28
N HIS B 72 10.30 -9.44 -1.40
CA HIS B 72 10.43 -9.20 0.03
C HIS B 72 11.46 -8.08 0.29
N LYS B 73 12.62 -8.13 -0.40
CA LYS B 73 13.66 -7.13 -0.23
C LYS B 73 13.30 -5.77 -0.88
N ALA B 74 12.58 -5.78 -2.02
CA ALA B 74 12.22 -4.58 -2.78
C ALA B 74 10.90 -3.89 -2.36
N ARG B 75 10.36 -4.21 -1.18
CA ARG B 75 9.12 -3.63 -0.62
C ARG B 75 9.13 -2.10 -0.69
N PHE B 76 8.09 -1.52 -1.32
CA PHE B 76 7.91 -0.06 -1.52
C PHE B 76 6.48 0.13 -2.00
N SER B 77 5.97 1.37 -1.86
CA SER B 77 4.62 1.82 -2.18
C SER B 77 4.16 1.45 -3.56
N TYR B 78 5.06 1.36 -4.55
CA TYR B 78 4.67 1.05 -5.95
C TYR B 78 5.16 -0.30 -6.42
N ILE B 79 5.51 -1.19 -5.47
CA ILE B 79 5.95 -2.55 -5.75
C ILE B 79 4.92 -3.50 -5.19
N LEU B 80 4.50 -4.52 -5.97
CA LEU B 80 3.53 -5.52 -5.51
C LEU B 80 3.92 -6.10 -4.13
N PRO B 81 3.08 -5.87 -3.09
CA PRO B 81 3.43 -6.39 -1.74
C PRO B 81 3.30 -7.91 -1.64
N ILE B 82 4.39 -8.59 -1.21
CA ILE B 82 4.40 -10.04 -0.99
C ILE B 82 3.91 -10.30 0.46
N LEU B 83 2.97 -11.24 0.64
CA LEU B 83 2.40 -11.57 1.95
C LEU B 83 3.06 -12.79 2.61
N GLY B 84 3.58 -13.67 1.77
CA GLY B 84 4.27 -14.86 2.22
C GLY B 84 4.58 -15.84 1.11
N ILE B 85 5.15 -17.00 1.50
CA ILE B 85 5.48 -18.05 0.57
C ILE B 85 4.84 -19.40 0.97
N CYS B 86 4.40 -20.14 -0.03
CA CYS B 86 3.91 -21.50 0.11
C CYS B 86 5.09 -22.37 -0.25
N ASN B 87 5.61 -23.08 0.73
CA ASN B 87 6.75 -23.95 0.51
C ASN B 87 6.49 -25.31 1.14
N GLU B 88 5.73 -26.15 0.42
CA GLU B 88 5.32 -27.49 0.83
C GLU B 88 5.81 -28.52 -0.17
N PRO B 89 5.93 -29.83 0.18
CA PRO B 89 6.36 -30.82 -0.83
C PRO B 89 5.35 -30.87 -1.99
N GLU B 90 4.06 -30.81 -1.64
CA GLU B 90 2.88 -30.87 -2.48
C GLU B 90 2.61 -29.56 -3.26
N PHE B 91 3.02 -28.37 -2.74
CA PHE B 91 2.75 -27.07 -3.41
C PHE B 91 3.82 -26.00 -3.14
N LEU B 92 4.15 -25.21 -4.19
CA LEU B 92 5.09 -24.08 -4.08
C LEU B 92 4.52 -22.84 -4.77
N GLY B 93 4.42 -21.73 -4.06
CA GLY B 93 3.89 -20.50 -4.62
C GLY B 93 4.18 -19.24 -3.83
N ILE B 94 3.95 -18.09 -4.46
CA ILE B 94 4.15 -16.76 -3.91
C ILE B 94 2.77 -16.15 -3.60
N VAL B 95 2.57 -15.77 -2.33
CA VAL B 95 1.32 -15.13 -1.93
C VAL B 95 1.52 -13.60 -1.88
N THR B 96 0.71 -12.87 -2.62
CA THR B 96 0.76 -11.41 -2.68
C THR B 96 -0.62 -10.82 -2.39
N GLU B 97 -0.68 -9.47 -2.31
CA GLU B 97 -1.97 -8.79 -2.14
C GLU B 97 -2.74 -8.97 -3.44
N TYR B 98 -4.06 -9.07 -3.34
CA TYR B 98 -4.89 -9.20 -4.51
C TYR B 98 -5.09 -7.81 -5.13
N MET B 99 -4.91 -7.70 -6.46
CA MET B 99 -5.06 -6.44 -7.21
C MET B 99 -6.37 -6.54 -7.97
N PRO B 100 -7.42 -5.87 -7.48
CA PRO B 100 -8.75 -6.11 -8.09
C PRO B 100 -8.97 -5.54 -9.48
N ASN B 101 -8.15 -4.54 -9.87
CA ASN B 101 -8.31 -3.86 -11.15
C ASN B 101 -7.34 -4.29 -12.25
N GLY B 102 -6.80 -5.49 -12.12
CA GLY B 102 -5.97 -6.09 -13.16
C GLY B 102 -4.68 -5.40 -13.51
N SER B 103 -4.34 -5.40 -14.81
CA SER B 103 -3.11 -4.82 -15.33
C SER B 103 -3.38 -3.56 -16.12
N LEU B 104 -2.31 -2.77 -16.37
CA LEU B 104 -2.36 -1.57 -17.20
C LEU B 104 -2.73 -1.94 -18.65
N ASN B 105 -2.29 -3.12 -19.11
CA ASN B 105 -2.64 -3.64 -20.42
C ASN B 105 -4.15 -3.69 -20.63
N GLU B 106 -4.87 -4.27 -19.65
CA GLU B 106 -6.33 -4.40 -19.66
C GLU B 106 -7.01 -3.03 -19.66
N LEU B 107 -6.54 -2.09 -18.84
CA LEU B 107 -7.07 -0.72 -18.78
C LEU B 107 -6.96 0.04 -20.12
N LEU B 108 -5.80 -0.08 -20.78
CA LEU B 108 -5.53 0.60 -22.05
C LEU B 108 -6.23 0.03 -23.25
N HIS B 109 -6.32 -1.30 -23.31
CA HIS B 109 -6.81 -1.96 -24.51
C HIS B 109 -8.24 -2.53 -24.42
N ARG B 110 -8.85 -2.59 -23.23
CA ARG B 110 -10.24 -3.00 -23.13
C ARG B 110 -11.11 -1.72 -23.25
N LYS B 111 -11.21 -1.17 -24.47
CA LYS B 111 -11.92 0.08 -24.81
C LYS B 111 -13.45 0.00 -24.71
N THR B 112 -14.02 -1.21 -24.67
CA THR B 112 -15.45 -1.41 -24.48
C THR B 112 -15.71 -1.25 -22.98
N GLU B 113 -15.01 -2.04 -22.15
CA GLU B 113 -15.07 -2.02 -20.70
C GLU B 113 -14.67 -0.62 -20.15
N TYR B 114 -13.68 0.03 -20.81
CA TYR B 114 -13.17 1.34 -20.40
C TYR B 114 -13.18 2.35 -21.56
N PRO B 115 -14.33 2.95 -21.90
CA PRO B 115 -14.34 3.94 -23.00
C PRO B 115 -13.46 5.16 -22.71
N ASP B 116 -13.36 5.58 -21.42
CA ASP B 116 -12.53 6.73 -21.07
C ASP B 116 -11.60 6.40 -19.97
N VAL B 117 -10.40 6.94 -20.06
CA VAL B 117 -9.36 6.84 -19.04
C VAL B 117 -8.80 8.25 -18.97
N ALA B 118 -9.26 9.03 -17.99
CA ALA B 118 -8.92 10.43 -17.90
C ALA B 118 -7.43 10.71 -17.77
N TRP B 119 -6.96 11.81 -18.42
CA TRP B 119 -5.58 12.24 -18.40
C TRP B 119 -4.98 12.27 -17.00
N PRO B 120 -5.64 12.84 -15.95
CA PRO B 120 -5.00 12.83 -14.61
C PRO B 120 -4.59 11.43 -14.17
N LEU B 121 -5.48 10.43 -14.34
CA LEU B 121 -5.17 9.05 -13.98
C LEU B 121 -4.00 8.46 -14.83
N ARG B 122 -3.97 8.74 -16.14
CA ARG B 122 -2.88 8.28 -17.02
C ARG B 122 -1.54 8.85 -16.55
N PHE B 123 -1.51 10.14 -16.18
CA PHE B 123 -0.28 10.78 -15.70
C PHE B 123 0.17 10.26 -14.34
N ARG B 124 -0.78 9.95 -13.46
CA ARG B 124 -0.50 9.40 -12.15
C ARG B 124 0.12 7.99 -12.29
N ILE B 125 -0.43 7.16 -13.18
CA ILE B 125 0.11 5.81 -13.44
C ILE B 125 1.57 5.93 -13.90
N LEU B 126 1.83 6.79 -14.90
CA LEU B 126 3.17 7.05 -15.43
C LEU B 126 4.14 7.52 -14.35
N HIS B 127 3.68 8.43 -13.47
CA HIS B 127 4.46 8.94 -12.34
C HIS B 127 4.81 7.79 -11.36
N GLU B 128 3.80 7.00 -10.96
CA GLU B 128 3.98 5.87 -10.03
C GLU B 128 4.87 4.75 -10.58
N ILE B 129 4.78 4.43 -11.93
CA ILE B 129 5.68 3.46 -12.59
C ILE B 129 7.12 3.99 -12.45
N ALA B 130 7.35 5.27 -12.76
CA ALA B 130 8.68 5.86 -12.64
C ALA B 130 9.19 5.85 -11.20
N LEU B 131 8.32 6.15 -10.21
CA LEU B 131 8.65 6.12 -8.76
C LEU B 131 9.05 4.72 -8.32
N GLY B 132 8.28 3.72 -8.78
CA GLY B 132 8.55 2.31 -8.51
C GLY B 132 9.89 1.85 -9.07
N VAL B 133 10.17 2.16 -10.37
CA VAL B 133 11.42 1.74 -11.02
C VAL B 133 12.62 2.49 -10.42
N ASN B 134 12.47 3.80 -10.12
CA ASN B 134 13.52 4.62 -9.52
C ASN B 134 13.98 4.00 -8.19
N TYR B 135 13.02 3.59 -7.33
CA TYR B 135 13.31 2.93 -6.05
C TYR B 135 14.19 1.71 -6.27
N LEU B 136 13.78 0.78 -7.20
CA LEU B 136 14.54 -0.43 -7.54
C LEU B 136 15.98 -0.05 -7.91
N HIS B 137 16.15 0.95 -8.81
CA HIS B 137 17.47 1.42 -9.27
C HIS B 137 18.31 2.08 -8.18
N ASN B 138 17.69 2.55 -7.08
CA ASN B 138 18.38 3.22 -5.97
C ASN B 138 18.74 2.31 -4.81
N MET B 139 18.34 1.03 -4.88
CA MET B 139 18.63 0.02 -3.85
C MET B 139 20.12 -0.32 -3.84
N THR B 140 20.60 -0.98 -2.78
CA THR B 140 22.01 -1.38 -2.73
C THR B 140 22.11 -2.91 -2.60
N PRO B 141 22.56 -3.62 -3.67
CA PRO B 141 22.95 -3.09 -5.00
C PRO B 141 21.69 -2.77 -5.84
N PRO B 142 21.77 -1.94 -6.92
CA PRO B 142 20.54 -1.62 -7.69
C PRO B 142 19.85 -2.85 -8.26
N LEU B 143 18.51 -2.85 -8.25
CA LEU B 143 17.75 -3.92 -8.84
C LEU B 143 17.20 -3.38 -10.15
N LEU B 144 17.41 -4.13 -11.22
CA LEU B 144 17.00 -3.76 -12.55
C LEU B 144 15.88 -4.72 -12.93
N HIS B 145 14.68 -4.21 -13.24
CA HIS B 145 13.52 -5.05 -13.55
C HIS B 145 13.75 -5.93 -14.80
N HIS B 146 14.15 -5.32 -15.93
CA HIS B 146 14.52 -5.95 -17.20
C HIS B 146 13.41 -6.74 -17.89
N ASP B 147 12.15 -6.57 -17.47
CA ASP B 147 10.99 -7.17 -18.12
C ASP B 147 9.73 -6.33 -17.86
N LEU B 148 9.85 -4.99 -17.95
CA LEU B 148 8.70 -4.12 -17.79
C LEU B 148 7.80 -4.22 -19.02
N LYS B 149 6.48 -4.40 -18.79
CA LYS B 149 5.42 -4.52 -19.80
C LYS B 149 4.20 -3.88 -19.16
N THR B 150 3.19 -3.47 -19.96
CA THR B 150 1.94 -2.98 -19.40
C THR B 150 1.23 -4.13 -18.66
N GLN B 151 1.49 -5.40 -19.07
CA GLN B 151 0.94 -6.63 -18.46
C GLN B 151 1.41 -6.80 -17.00
N ASN B 152 2.60 -6.29 -16.64
CA ASN B 152 3.05 -6.50 -15.27
C ASN B 152 3.10 -5.20 -14.43
N ILE B 153 2.32 -4.21 -14.85
CA ILE B 153 2.02 -3.02 -14.07
C ILE B 153 0.58 -3.31 -13.61
N LEU B 154 0.44 -3.74 -12.37
CA LEU B 154 -0.85 -4.08 -11.79
C LEU B 154 -1.49 -2.88 -11.11
N LEU B 155 -2.82 -2.92 -11.05
CA LEU B 155 -3.63 -1.81 -10.53
C LEU B 155 -4.47 -2.22 -9.30
N ASP B 156 -4.33 -1.44 -8.22
CA ASP B 156 -5.06 -1.76 -6.99
C ASP B 156 -6.49 -1.23 -7.03
N ASN B 157 -7.23 -1.32 -5.90
CA ASN B 157 -8.63 -0.89 -5.81
C ASN B 157 -8.88 0.56 -6.19
N GLU B 158 -7.89 1.44 -5.99
CA GLU B 158 -8.05 2.84 -6.38
C GLU B 158 -7.18 3.22 -7.55
N PHE B 159 -6.75 2.19 -8.33
CA PHE B 159 -5.94 2.32 -9.54
C PHE B 159 -4.56 2.93 -9.28
N HIS B 160 -3.97 2.60 -8.13
CA HIS B 160 -2.59 2.96 -7.86
C HIS B 160 -1.76 1.78 -8.42
N VAL B 161 -0.55 2.08 -8.84
CA VAL B 161 0.35 1.12 -9.48
C VAL B 161 1.05 0.21 -8.49
N LYS B 162 1.27 -1.04 -8.91
CA LYS B 162 2.09 -2.03 -8.20
C LYS B 162 2.86 -2.77 -9.28
N ILE B 163 4.18 -2.60 -9.32
CA ILE B 163 5.03 -3.32 -10.28
C ILE B 163 5.20 -4.79 -9.85
N ALA B 164 4.92 -5.74 -10.75
CA ALA B 164 5.03 -7.18 -10.51
C ALA B 164 6.03 -7.79 -11.49
N ASP B 165 6.21 -9.14 -11.46
CA ASP B 165 7.07 -10.00 -12.30
C ASP B 165 8.55 -9.67 -12.23
N PHE B 166 9.22 -10.25 -11.23
CA PHE B 166 10.66 -10.06 -11.03
C PHE B 166 11.47 -11.28 -11.46
N GLY B 167 10.88 -12.08 -12.36
CA GLY B 167 11.47 -13.28 -12.91
C GLY B 167 12.73 -13.05 -13.73
N LEU B 168 12.77 -11.93 -14.51
CA LEU B 168 13.95 -11.56 -15.31
C LEU B 168 14.78 -10.46 -14.65
N SER B 169 14.32 -9.96 -13.47
CA SER B 169 15.00 -8.91 -12.72
C SER B 169 16.41 -9.34 -12.29
N LYS B 170 17.36 -8.39 -12.28
CA LYS B 170 18.75 -8.65 -11.91
C LYS B 170 19.33 -7.62 -10.93
N TRP B 171 20.15 -8.09 -9.97
CA TRP B 171 20.88 -7.27 -9.01
C TRP B 171 22.15 -6.77 -9.71
N ARG B 172 22.32 -5.43 -9.81
CA ARG B 172 23.47 -4.82 -10.49
C ARG B 172 24.80 -5.04 -9.73
N MET B 173 25.62 -5.99 -10.23
CA MET B 173 26.91 -6.34 -9.66
C MET B 173 28.02 -6.30 -10.71
N GLU B 187 11.13 -20.08 -23.43
CA GLU B 187 9.80 -19.70 -22.94
C GLU B 187 9.65 -18.19 -22.67
N GLY B 188 9.25 -17.43 -23.71
CA GLY B 188 9.07 -15.99 -23.65
C GLY B 188 7.83 -15.45 -24.36
N GLY B 189 7.55 -14.15 -24.13
CA GLY B 189 6.42 -13.45 -24.70
C GLY B 189 6.78 -12.31 -25.64
N THR B 190 6.19 -11.11 -25.40
CA THR B 190 6.36 -9.90 -26.20
C THR B 190 7.79 -9.30 -26.16
N ILE B 191 8.19 -8.63 -27.27
CA ILE B 191 9.50 -8.01 -27.42
C ILE B 191 9.40 -6.49 -27.63
N ILE B 192 8.17 -5.92 -27.68
CA ILE B 192 7.94 -4.51 -27.98
C ILE B 192 8.54 -3.54 -26.93
N TYR B 193 8.86 -4.02 -25.74
CA TYR B 193 9.44 -3.21 -24.67
C TYR B 193 10.93 -3.42 -24.51
N MET B 194 11.51 -4.27 -25.37
CA MET B 194 12.91 -4.62 -25.32
C MET B 194 13.80 -3.70 -26.16
N PRO B 195 14.85 -3.05 -25.56
CA PRO B 195 15.76 -2.22 -26.36
C PRO B 195 16.49 -3.01 -27.46
N PRO B 196 16.84 -2.41 -28.62
CA PRO B 196 17.49 -3.19 -29.70
C PRO B 196 18.76 -3.93 -29.28
N GLU B 197 19.58 -3.36 -28.38
CA GLU B 197 20.83 -3.99 -27.94
C GLU B 197 20.62 -5.26 -27.12
N ASN B 198 19.40 -5.48 -26.59
CA ASN B 198 19.15 -6.66 -25.78
C ASN B 198 18.72 -7.89 -26.61
N TYR B 199 18.54 -7.72 -27.94
CA TYR B 199 18.10 -8.77 -28.86
C TYR B 199 19.03 -9.96 -28.90
N GLU B 200 20.35 -9.72 -28.86
CA GLU B 200 21.40 -10.74 -28.80
C GLU B 200 22.07 -10.58 -27.43
N PRO B 201 21.54 -11.31 -26.43
CA PRO B 201 22.00 -11.08 -25.05
C PRO B 201 23.38 -11.60 -24.69
N GLY B 202 23.80 -11.23 -23.47
CA GLY B 202 25.09 -11.60 -22.88
C GLY B 202 25.36 -10.94 -21.54
N GLN B 203 26.65 -10.64 -21.29
CA GLN B 203 27.14 -10.00 -20.07
C GLN B 203 26.71 -8.52 -20.05
N LYS B 204 27.04 -7.76 -21.13
CA LYS B 204 26.70 -6.34 -21.31
C LYS B 204 25.18 -6.04 -21.18
N SER B 205 24.33 -6.89 -21.82
CA SER B 205 22.86 -6.83 -21.87
C SER B 205 22.25 -6.97 -20.48
N ARG B 206 22.64 -8.04 -19.74
CA ARG B 206 22.18 -8.31 -18.37
C ARG B 206 22.66 -7.21 -17.42
N ALA B 207 23.84 -6.58 -17.73
CA ALA B 207 24.45 -5.49 -16.97
C ALA B 207 23.76 -4.13 -17.16
N SER B 208 23.40 -3.77 -18.44
CA SER B 208 22.76 -2.52 -18.88
C SER B 208 21.86 -1.88 -17.85
N ILE B 209 22.13 -0.62 -17.53
CA ILE B 209 21.34 0.16 -16.60
C ILE B 209 20.36 1.06 -17.36
N LYS B 210 20.32 0.92 -18.70
CA LYS B 210 19.45 1.70 -19.58
C LYS B 210 18.39 0.83 -20.29
N HIS B 211 18.04 -0.33 -19.71
CA HIS B 211 17.03 -1.19 -20.32
C HIS B 211 15.63 -0.70 -19.90
N ASP B 212 15.38 -0.56 -18.58
CA ASP B 212 14.07 -0.19 -18.03
C ASP B 212 13.52 1.13 -18.58
N ILE B 213 14.39 2.10 -18.84
CA ILE B 213 13.95 3.39 -19.39
C ILE B 213 13.38 3.24 -20.81
N TYR B 214 13.96 2.32 -21.62
CA TYR B 214 13.49 2.03 -22.96
C TYR B 214 12.05 1.50 -22.86
N SER B 215 11.83 0.48 -21.99
CA SER B 215 10.55 -0.15 -21.72
C SER B 215 9.54 0.89 -21.29
N TYR B 216 9.96 1.78 -20.37
CA TYR B 216 9.19 2.91 -19.86
C TYR B 216 8.77 3.86 -20.97
N ALA B 217 9.67 4.17 -21.91
CA ALA B 217 9.36 5.04 -23.06
C ALA B 217 8.22 4.46 -23.91
N VAL B 218 8.25 3.10 -24.17
CA VAL B 218 7.22 2.37 -24.93
C VAL B 218 5.90 2.38 -24.11
N ILE B 219 5.97 2.11 -22.78
CA ILE B 219 4.79 2.15 -21.89
C ILE B 219 4.13 3.53 -21.92
N THR B 220 4.95 4.61 -21.86
CA THR B 220 4.45 6.00 -21.91
C THR B 220 3.70 6.25 -23.20
N TRP B 221 4.28 5.82 -24.34
CA TRP B 221 3.70 5.97 -25.66
C TRP B 221 2.33 5.29 -25.70
N GLU B 222 2.28 4.05 -25.19
CA GLU B 222 1.12 3.18 -25.12
C GLU B 222 0.04 3.76 -24.20
N VAL B 223 0.43 4.32 -23.03
CA VAL B 223 -0.51 4.95 -22.10
C VAL B 223 -1.18 6.16 -22.76
N LEU B 224 -0.39 7.03 -23.42
CA LEU B 224 -0.90 8.25 -24.04
C LEU B 224 -1.63 8.05 -25.37
N SER B 225 -1.40 6.93 -26.06
CA SER B 225 -2.08 6.67 -27.33
C SER B 225 -3.24 5.69 -27.25
N ARG B 226 -3.20 4.77 -26.24
CA ARG B 226 -4.09 3.60 -26.04
C ARG B 226 -4.01 2.68 -27.28
N LYS B 227 -2.89 2.77 -28.02
CA LYS B 227 -2.63 1.98 -29.20
C LYS B 227 -1.64 0.86 -28.90
N GLN B 228 -1.68 -0.21 -29.69
CA GLN B 228 -0.73 -1.30 -29.57
C GLN B 228 0.52 -0.87 -30.32
N PRO B 229 1.70 -0.82 -29.65
CA PRO B 229 2.93 -0.41 -30.36
C PRO B 229 3.20 -1.34 -31.54
N PHE B 230 3.50 -0.76 -32.74
CA PHE B 230 3.74 -1.51 -33.98
C PHE B 230 2.49 -2.30 -34.42
N GLU B 231 1.32 -1.65 -34.33
CA GLU B 231 -0.01 -2.15 -34.67
C GLU B 231 -0.09 -2.57 -36.16
N ASP B 232 0.49 -1.78 -37.08
CA ASP B 232 0.47 -2.09 -38.50
C ASP B 232 1.41 -3.26 -38.92
N VAL B 233 2.29 -3.72 -38.01
CA VAL B 233 3.26 -4.79 -38.26
C VAL B 233 2.73 -6.14 -37.73
N THR B 234 2.47 -7.08 -38.66
CA THR B 234 1.91 -8.42 -38.42
C THR B 234 2.82 -9.34 -37.59
N ASN B 235 4.04 -9.62 -38.10
CA ASN B 235 5.03 -10.51 -37.49
C ASN B 235 6.00 -9.79 -36.49
N PRO B 236 6.22 -10.39 -35.28
CA PRO B 236 7.14 -9.78 -34.27
C PRO B 236 8.62 -9.70 -34.66
N LEU B 237 9.07 -10.56 -35.58
CA LEU B 237 10.46 -10.58 -36.00
C LEU B 237 10.72 -9.38 -36.87
N GLN B 238 9.68 -8.91 -37.58
CA GLN B 238 9.73 -7.72 -38.41
C GLN B 238 9.82 -6.46 -37.51
N ILE B 239 9.16 -6.47 -36.32
CA ILE B 239 9.28 -5.38 -35.34
C ILE B 239 10.76 -5.32 -34.94
N MET B 240 11.34 -6.47 -34.58
CA MET B 240 12.76 -6.58 -34.23
C MET B 240 13.66 -5.98 -35.30
N TYR B 241 13.35 -6.25 -36.58
CA TYR B 241 14.09 -5.72 -37.72
C TYR B 241 13.98 -4.20 -37.79
N SER B 242 12.76 -3.63 -37.61
CA SER B 242 12.47 -2.19 -37.62
C SER B 242 13.15 -1.46 -36.47
N VAL B 243 13.01 -1.99 -35.24
CA VAL B 243 13.62 -1.41 -34.04
C VAL B 243 15.14 -1.33 -34.17
N SER B 244 15.79 -2.41 -34.64
CA SER B 244 17.24 -2.42 -34.81
C SER B 244 17.72 -1.36 -35.85
N GLN B 245 16.83 -0.91 -36.77
CA GLN B 245 17.08 0.12 -37.79
C GLN B 245 16.81 1.53 -37.23
N GLY B 246 16.27 1.59 -36.01
CA GLY B 246 15.97 2.84 -35.33
C GLY B 246 14.52 3.29 -35.43
N HIS B 247 13.63 2.43 -35.96
CA HIS B 247 12.21 2.72 -36.08
C HIS B 247 11.50 2.44 -34.78
N ARG B 248 10.52 3.31 -34.46
CA ARG B 248 9.80 3.23 -33.17
C ARG B 248 8.29 3.34 -33.40
N PRO B 249 7.42 3.10 -32.38
CA PRO B 249 5.97 3.32 -32.60
C PRO B 249 5.75 4.75 -33.07
N VAL B 250 4.80 4.95 -33.99
CA VAL B 250 4.61 6.26 -34.61
C VAL B 250 4.16 7.37 -33.67
N ILE B 251 4.75 8.55 -33.87
CA ILE B 251 4.43 9.78 -33.18
C ILE B 251 3.91 10.73 -34.25
N ASN B 252 2.59 10.91 -34.28
CA ASN B 252 1.87 11.79 -35.20
C ASN B 252 0.59 12.29 -34.51
N GLU B 253 -0.29 13.01 -35.25
CA GLU B 253 -1.55 13.54 -34.75
C GLU B 253 -2.58 12.40 -34.48
N GLU B 254 -2.49 11.31 -35.24
CA GLU B 254 -3.40 10.17 -35.12
C GLU B 254 -3.13 9.38 -33.85
N SER B 255 -1.85 9.02 -33.58
CA SER B 255 -1.45 8.23 -32.41
C SER B 255 -1.44 9.09 -31.17
N LEU B 256 -0.86 10.30 -31.27
CA LEU B 256 -0.79 11.24 -30.17
C LEU B 256 -1.48 12.57 -30.54
N PRO B 257 -2.81 12.68 -30.30
CA PRO B 257 -3.52 13.93 -30.65
C PRO B 257 -2.96 15.18 -29.99
N TYR B 258 -3.16 16.34 -30.63
CA TYR B 258 -2.65 17.62 -30.18
C TYR B 258 -3.25 18.12 -28.85
N ASP B 259 -4.40 17.55 -28.43
CA ASP B 259 -5.09 17.88 -27.19
C ASP B 259 -4.54 17.19 -25.92
N ILE B 260 -3.51 16.31 -26.07
CA ILE B 260 -2.90 15.61 -24.93
C ILE B 260 -2.24 16.64 -24.02
N PRO B 261 -2.59 16.75 -22.73
CA PRO B 261 -1.86 17.69 -21.86
C PRO B 261 -0.35 17.46 -21.90
N HIS B 262 0.44 18.54 -21.98
CA HIS B 262 1.92 18.54 -21.95
C HIS B 262 2.54 17.64 -23.04
N ARG B 263 1.89 17.65 -24.24
CA ARG B 263 2.25 16.81 -25.36
C ARG B 263 3.72 16.93 -25.74
N ALA B 264 4.21 18.16 -25.95
CA ALA B 264 5.61 18.40 -26.34
C ALA B 264 6.57 17.77 -25.31
N ARG B 265 6.36 18.04 -24.02
CA ARG B 265 7.20 17.54 -22.96
C ARG B 265 7.24 16.00 -22.91
N MET B 266 6.06 15.35 -23.02
CA MET B 266 5.89 13.90 -23.03
C MET B 266 6.57 13.25 -24.23
N ILE B 267 6.44 13.86 -25.43
CA ILE B 267 7.10 13.39 -26.66
C ILE B 267 8.63 13.43 -26.49
N SER B 268 9.16 14.50 -25.90
CA SER B 268 10.58 14.64 -25.61
C SER B 268 11.09 13.51 -24.69
N LEU B 269 10.33 13.20 -23.64
CA LEU B 269 10.62 12.14 -22.67
C LEU B 269 10.63 10.78 -23.38
N ILE B 270 9.54 10.47 -24.13
CA ILE B 270 9.40 9.24 -24.92
C ILE B 270 10.62 9.06 -25.87
N GLU B 271 10.90 10.08 -26.71
CA GLU B 271 11.99 10.02 -27.71
C GLU B 271 13.39 9.89 -27.10
N SER B 272 13.65 10.52 -25.95
CA SER B 272 14.95 10.36 -25.29
C SER B 272 15.05 8.98 -24.63
N GLY B 273 13.96 8.52 -23.99
CA GLY B 273 13.84 7.22 -23.35
C GLY B 273 14.08 6.01 -24.26
N TRP B 274 13.61 6.09 -25.53
CA TRP B 274 13.80 4.97 -26.47
C TRP B 274 14.88 5.24 -27.51
N ALA B 275 15.83 6.13 -27.20
CA ALA B 275 16.95 6.48 -28.11
C ALA B 275 17.74 5.23 -28.47
N GLN B 276 18.23 5.15 -29.73
CA GLN B 276 19.02 4.01 -30.21
C GLN B 276 20.29 3.82 -29.34
N ASN B 277 20.98 4.93 -29.03
CA ASN B 277 22.17 4.97 -28.18
C ASN B 277 21.74 4.94 -26.70
N PRO B 278 22.04 3.83 -25.97
CA PRO B 278 21.65 3.77 -24.53
C PRO B 278 22.17 4.92 -23.67
N ASP B 279 23.36 5.44 -24.00
CA ASP B 279 24.01 6.55 -23.29
C ASP B 279 23.18 7.84 -23.35
N GLU B 280 22.29 7.96 -24.35
CA GLU B 280 21.44 9.13 -24.57
C GLU B 280 20.09 9.05 -23.85
N ARG B 281 19.80 7.89 -23.24
CA ARG B 281 18.55 7.64 -22.49
C ARG B 281 18.66 8.23 -21.08
N PRO B 282 17.60 8.86 -20.52
CA PRO B 282 17.75 9.47 -19.18
C PRO B 282 17.66 8.48 -18.03
N SER B 283 18.08 8.93 -16.85
CA SER B 283 17.94 8.19 -15.60
C SER B 283 16.45 8.37 -15.18
N PHE B 284 15.99 7.55 -14.22
CA PHE B 284 14.63 7.71 -13.71
C PHE B 284 14.50 8.98 -12.88
N LEU B 285 15.61 9.44 -12.26
CA LEU B 285 15.63 10.69 -11.52
C LEU B 285 15.25 11.86 -12.45
N LYS B 286 15.95 11.99 -13.60
CA LYS B 286 15.72 13.04 -14.60
C LYS B 286 14.27 13.00 -15.04
N CYS B 287 13.79 11.80 -15.35
CA CYS B 287 12.41 11.51 -15.74
C CYS B 287 11.41 12.03 -14.69
N LEU B 288 11.66 11.73 -13.39
CA LEU B 288 10.82 12.16 -12.29
C LEU B 288 10.77 13.66 -12.13
N ILE B 289 11.95 14.31 -12.20
CA ILE B 289 12.09 15.77 -12.11
C ILE B 289 11.30 16.48 -13.24
N GLU B 290 11.13 15.85 -14.39
CA GLU B 290 10.35 16.35 -15.52
C GLU B 290 8.85 16.16 -15.26
N LEU B 291 8.48 15.00 -14.68
CA LEU B 291 7.07 14.66 -14.42
C LEU B 291 6.45 15.40 -13.24
N GLU B 292 7.25 15.76 -12.20
CA GLU B 292 6.72 16.46 -11.02
C GLU B 292 5.95 17.77 -11.37
N PRO B 293 6.47 18.71 -12.22
CA PRO B 293 5.66 19.90 -12.56
C PRO B 293 4.35 19.58 -13.32
N VAL B 294 4.35 18.49 -14.10
CA VAL B 294 3.17 18.02 -14.84
C VAL B 294 2.05 17.54 -13.86
N LEU B 295 2.42 16.70 -12.87
CA LEU B 295 1.46 16.16 -11.91
C LEU B 295 0.86 17.21 -11.01
N ARG B 296 1.61 18.29 -10.75
CA ARG B 296 1.14 19.41 -9.92
C ARG B 296 0.03 20.21 -10.59
N THR B 297 -0.13 20.12 -11.94
CA THR B 297 -1.19 20.82 -12.69
C THR B 297 -2.57 20.18 -12.51
N PHE B 298 -2.65 18.96 -11.95
CA PHE B 298 -3.90 18.25 -11.74
C PHE B 298 -4.37 18.37 -10.30
N GLU B 299 -5.60 18.88 -10.09
CA GLU B 299 -6.19 18.95 -8.77
C GLU B 299 -6.49 17.54 -8.27
N GLU B 300 -6.44 17.35 -6.95
CA GLU B 300 -6.58 16.05 -6.31
C GLU B 300 -7.89 15.34 -6.64
N ILE B 301 -9.00 16.09 -6.71
CA ILE B 301 -10.34 15.55 -7.00
C ILE B 301 -10.43 14.91 -8.40
N THR B 302 -9.59 15.37 -9.38
CA THR B 302 -9.62 14.83 -10.73
C THR B 302 -9.18 13.36 -10.77
N PHE B 303 -8.33 12.92 -9.82
CA PHE B 303 -7.88 11.53 -9.71
C PHE B 303 -9.03 10.67 -9.19
N LEU B 304 -9.78 11.21 -8.22
CA LEU B 304 -10.96 10.55 -7.66
C LEU B 304 -12.06 10.40 -8.71
N GLU B 305 -12.29 11.46 -9.50
CA GLU B 305 -13.29 11.48 -10.57
C GLU B 305 -12.94 10.52 -11.70
N ALA B 306 -11.64 10.36 -11.99
CA ALA B 306 -11.16 9.47 -13.06
C ALA B 306 -11.48 8.03 -12.69
N VAL B 307 -11.26 7.68 -11.42
CA VAL B 307 -11.52 6.35 -10.89
C VAL B 307 -13.04 6.03 -10.82
N ILE B 308 -13.89 6.93 -10.30
CA ILE B 308 -15.35 6.68 -10.28
C ILE B 308 -15.89 6.44 -11.71
N GLN B 309 -15.32 7.15 -12.70
CA GLN B 309 -15.72 7.04 -14.11
C GLN B 309 -15.44 5.63 -14.65
N LEU B 310 -14.40 4.97 -14.10
CA LEU B 310 -14.00 3.61 -14.47
C LEU B 310 -14.90 2.51 -13.87
N LYS B 311 -15.60 2.79 -12.74
CA LYS B 311 -16.49 1.85 -12.03
C LYS B 311 -17.80 1.63 -12.73
C1 KA2 C . -2.82 13.75 11.98
C2 KA2 C . -1.77 13.67 13.05
C3 KA2 C . -1.73 12.25 13.56
C4 KA2 C . -2.14 14.62 14.17
S5 KA2 C . -0.15 14.18 12.38
O6 KA2 C . 0.85 13.96 13.39
O7 KA2 C . -0.26 15.51 11.80
C8 KA2 C . 0.31 13.07 11.06
C9 KA2 C . 1.09 12.02 11.45
C10 KA2 C . 1.59 11.12 10.47
C11 KA2 C . 2.42 9.96 10.73
N12 KA2 C . 2.83 9.70 12.00
C13 KA2 C . 3.72 8.71 12.38
C14 KA2 C . 5.01 8.72 11.90
C15 KA2 C . 5.87 7.69 12.21
C16 KA2 C . 5.41 6.70 13.03
S17 KA2 C . 6.30 5.31 13.59
C18 KA2 C . 4.89 4.80 14.42
N19 KA2 C . 3.86 5.57 14.34
C20 KA2 C . 4.13 6.67 13.56
C21 KA2 C . 3.27 7.70 13.21
N22 KA2 C . 2.80 9.14 9.72
C23 KA2 C . 2.40 9.45 8.49
N24 KA2 C . 1.66 10.50 8.11
C25 KA2 C . 1.24 11.33 9.11
C26 KA2 C . 0.41 12.42 8.77
C27 KA2 C . -0.03 13.30 9.73
O28 KA2 C . -0.81 14.41 9.42
C29 KA2 C . -0.79 15.01 8.14
C30 KA2 C . -2.21 15.26 7.73
O31 KA2 C . -2.82 16.04 8.75
C1 KA2 D . -2.65 -9.80 -14.66
C2 KA2 D . -4.08 -10.32 -14.83
C3 KA2 D . -4.24 -10.89 -16.23
C4 KA2 D . -5.02 -9.15 -14.69
S5 KA2 D . -4.48 -11.61 -13.60
O6 KA2 D . -3.46 -12.64 -13.66
O7 KA2 D . -5.85 -12.04 -13.78
C8 KA2 D . -4.31 -10.93 -11.96
C9 KA2 D . -3.07 -11.10 -11.40
C10 KA2 D . -2.80 -10.65 -10.08
C11 KA2 D . -1.54 -10.76 -9.39
N12 KA2 D . -0.50 -11.37 -10.03
C13 KA2 D . 0.73 -11.76 -9.47
C14 KA2 D . 0.76 -12.62 -8.40
C15 KA2 D . 1.94 -12.96 -7.81
C16 KA2 D . 3.11 -12.44 -8.34
S17 KA2 D . 4.73 -12.70 -7.77
C18 KA2 D . 5.27 -11.63 -9.00
N19 KA2 D . 4.36 -11.14 -9.78
C20 KA2 D . 3.11 -11.58 -9.44
C21 KA2 D . 1.89 -11.24 -10.01
N22 KA2 D . -1.37 -10.26 -8.14
C23 KA2 D . -2.44 -9.69 -7.58
N24 KA2 D . -3.67 -9.57 -8.08
C25 KA2 D . -3.86 -10.04 -9.35
C26 KA2 D . -5.10 -9.85 -9.98
C27 KA2 D . -5.35 -10.29 -11.27
O28 KA2 D . -6.60 -10.15 -11.87
C29 KA2 D . -7.52 -9.13 -11.45
C30 KA2 D . -8.70 -9.08 -12.39
O31 KA2 D . -8.27 -8.69 -13.69
#